data_4I2D
#
_entry.id   4I2D
#
_cell.length_a   46.880
_cell.length_b   84.470
_cell.length_c   113.910
_cell.angle_alpha   90.00
_cell.angle_beta   90.00
_cell.angle_gamma   90.00
#
_symmetry.space_group_name_H-M   'P 21 21 21'
#
loop_
_entity.id
_entity.type
_entity.pdbx_description
1 polymer 'DNA nucleotidylexotransferase'
2 non-polymer 'MAGNESIUM ION'
3 non-polymer 'SODIUM ION'
4 non-polymer 'DIPHOSPHOMETHYLPHOSPHONIC ACID ADENOSYL ESTER'
5 non-polymer 'ZINC ION'
6 water water
#
_entity_poly.entity_id   1
_entity_poly.type   'polypeptide(L)'
_entity_poly.pdbx_seq_one_letter_code
;MGSSHHHHHHSSGLVPRGSHMSPSPVPGSQNVPAPAVKKISQYACQRRTTLNNYNQLFTDALDILAENDELRENEGSCLA
FMRASSVLKSLPFPITSMKDTEGIPCLGDKVKSIIEGIIEDGESSEAKAVLNDERYKSFKLFTSVFGVGLKTAEKWFRMG
FRTLSKIQSDKSLRFTQMQKAGFLYYEDLVSCVNRPEAEAVSMLVKEAVVTFLPDALVTMTGGFRRGKMTGHDVDFLITS
PEATEDEEQQLLHKVTDFWKQQGLLLYCDILESTFEKFKQPSRKVDALDHFQKCFLILKLDHGRVHSEKSGQQEGKGWKA
IRVDLVMCPYDRRAFALLGWTGSRQFERDLRRYATHERKMMLDNHALYDRTKRVFLEAESEEEIFAHLGLDYIEPWERNA
;
_entity_poly.pdbx_strand_id   A
#
# COMPACT_ATOMS: atom_id res chain seq x y z
N LYS A 39 22.01 -18.44 -3.17
CA LYS A 39 21.94 -17.75 -1.87
C LYS A 39 20.85 -16.68 -1.86
N ILE A 40 19.99 -16.70 -0.82
CA ILE A 40 18.88 -15.75 -0.67
C ILE A 40 19.43 -14.35 -0.40
N SER A 41 19.03 -13.40 -1.26
CA SER A 41 19.44 -12.01 -1.12
C SER A 41 18.70 -11.34 0.04
N GLN A 42 19.36 -10.33 0.65
CA GLN A 42 18.80 -9.51 1.71
C GLN A 42 17.78 -8.50 1.12
N TYR A 43 17.75 -8.34 -0.20
CA TYR A 43 16.86 -7.41 -0.88
C TYR A 43 15.64 -8.11 -1.43
N ALA A 44 14.45 -7.59 -1.10
CA ALA A 44 13.17 -8.13 -1.61
C ALA A 44 13.10 -8.05 -3.14
N CYS A 45 13.75 -7.03 -3.76
CA CYS A 45 13.75 -6.85 -5.22
C CYS A 45 14.60 -7.92 -5.93
N GLN A 46 15.37 -8.73 -5.18
CA GLN A 46 16.14 -9.86 -5.72
C GLN A 46 15.53 -11.21 -5.23
N ARG A 47 14.25 -11.18 -4.82
CA ARG A 47 13.51 -12.35 -4.34
C ARG A 47 12.16 -12.37 -5.02
N ARG A 48 11.60 -13.54 -5.19
CA ARG A 48 10.27 -13.69 -5.77
C ARG A 48 9.38 -14.05 -4.61
N THR A 49 8.41 -13.19 -4.28
CA THR A 49 7.53 -13.38 -3.15
C THR A 49 6.09 -13.47 -3.65
N THR A 50 5.57 -14.72 -3.69
CA THR A 50 4.23 -15.03 -4.20
C THR A 50 3.26 -15.14 -3.02
N LEU A 51 1.94 -15.22 -3.29
CA LEU A 51 0.94 -15.27 -2.21
C LEU A 51 0.82 -16.64 -1.52
N ASN A 52 1.52 -17.67 -2.00
CA ASN A 52 1.56 -18.96 -1.33
C ASN A 52 2.63 -18.88 -0.22
N ASN A 53 2.25 -18.27 0.89
CA ASN A 53 3.15 -18.12 2.06
C ASN A 53 3.11 -19.39 2.90
N TYR A 54 4.23 -20.11 2.98
CA TYR A 54 4.32 -21.36 3.74
C TYR A 54 4.69 -21.13 5.21
N ASN A 55 4.98 -19.89 5.58
CA ASN A 55 5.44 -19.52 6.91
C ASN A 55 4.56 -18.50 7.59
N GLN A 56 3.24 -18.53 7.33
CA GLN A 56 2.28 -17.58 7.90
C GLN A 56 2.28 -17.58 9.42
N LEU A 57 2.55 -18.74 10.07
CA LEU A 57 2.64 -18.85 11.54
C LEU A 57 3.74 -17.92 12.06
N PHE A 58 4.89 -17.89 11.37
CA PHE A 58 6.03 -17.05 11.77
C PHE A 58 5.79 -15.61 11.37
N THR A 59 5.41 -15.36 10.10
CA THR A 59 5.25 -14.00 9.57
C THR A 59 4.06 -13.27 10.16
N ASP A 60 2.95 -13.92 10.48
CA ASP A 60 1.84 -13.21 11.15
C ASP A 60 2.29 -12.67 12.52
N ALA A 61 3.07 -13.47 13.27
CA ALA A 61 3.62 -13.07 14.57
C ALA A 61 4.62 -11.93 14.41
N LEU A 62 5.55 -12.02 13.42
CA LEU A 62 6.56 -10.99 13.14
C LEU A 62 5.90 -9.69 12.65
N ASP A 63 4.80 -9.78 11.87
CA ASP A 63 4.05 -8.61 11.37
C ASP A 63 3.37 -7.87 12.55
N ILE A 64 2.89 -8.60 13.56
CA ILE A 64 2.24 -8.04 14.76
C ILE A 64 3.31 -7.31 15.60
N LEU A 65 4.47 -7.94 15.78
CA LEU A 65 5.58 -7.38 16.54
C LEU A 65 6.13 -6.14 15.85
N ALA A 66 6.22 -6.16 14.52
CA ALA A 66 6.65 -5.00 13.74
C ALA A 66 5.66 -3.84 13.88
N GLU A 67 4.35 -4.13 13.80
CA GLU A 67 3.27 -3.14 13.92
C GLU A 67 3.26 -2.51 15.31
N ASN A 68 3.51 -3.31 16.35
CA ASN A 68 3.59 -2.80 17.72
C ASN A 68 4.80 -1.88 17.87
N ASP A 69 5.96 -2.24 17.28
CA ASP A 69 7.14 -1.39 17.33
C ASP A 69 6.92 -0.07 16.60
N GLU A 70 6.05 -0.05 15.57
CA GLU A 70 5.68 1.16 14.83
C GLU A 70 4.88 2.06 15.76
N LEU A 71 3.90 1.47 16.46
CA LEU A 71 3.04 2.14 17.43
C LEU A 71 3.84 2.68 18.61
N ARG A 72 4.86 1.92 19.10
CA ARG A 72 5.72 2.30 20.23
C ARG A 72 6.88 3.21 19.79
N GLU A 73 6.86 3.66 18.52
CA GLU A 73 7.84 4.54 17.88
C GLU A 73 9.26 3.97 17.92
N ASN A 74 9.38 2.64 17.94
CA ASN A 74 10.65 1.96 17.88
C ASN A 74 10.90 1.55 16.41
N GLU A 75 11.35 2.52 15.59
CA GLU A 75 11.60 2.37 14.15
C GLU A 75 12.62 1.26 13.82
N GLY A 76 13.69 1.13 14.61
CA GLY A 76 14.74 0.15 14.41
C GLY A 76 14.28 -1.29 14.55
N SER A 77 13.58 -1.58 15.66
CA SER A 77 13.04 -2.90 15.95
C SER A 77 11.95 -3.24 14.95
N CYS A 78 11.17 -2.20 14.52
CA CYS A 78 10.14 -2.34 13.50
C CYS A 78 10.74 -2.84 12.18
N LEU A 79 11.80 -2.15 11.71
CA LEU A 79 12.50 -2.47 10.46
C LEU A 79 13.07 -3.90 10.51
N ALA A 80 13.70 -4.31 11.64
CA ALA A 80 14.28 -5.64 11.79
C ALA A 80 13.20 -6.73 11.66
N PHE A 81 12.03 -6.53 12.29
CA PHE A 81 10.96 -7.51 12.21
C PHE A 81 10.37 -7.52 10.78
N MET A 82 10.27 -6.35 10.12
CA MET A 82 9.70 -6.28 8.74
C MET A 82 10.57 -7.01 7.72
N ARG A 83 11.90 -6.92 7.84
CA ARG A 83 12.86 -7.55 6.93
C ARG A 83 12.88 -9.06 7.14
N ALA A 84 12.78 -9.52 8.39
CA ALA A 84 12.73 -10.93 8.74
C ALA A 84 11.43 -11.55 8.22
N SER A 85 10.29 -10.88 8.44
CA SER A 85 8.99 -11.35 7.98
C SER A 85 9.00 -11.50 6.47
N SER A 86 9.51 -10.43 5.77
CA SER A 86 9.63 -10.35 4.32
C SER A 86 10.42 -11.52 3.74
N VAL A 87 11.63 -11.80 4.28
CA VAL A 87 12.46 -12.89 3.75
C VAL A 87 11.76 -14.28 3.95
N LEU A 88 11.07 -14.51 5.08
CA LEU A 88 10.39 -15.79 5.29
C LEU A 88 9.22 -15.94 4.31
N LYS A 89 8.55 -14.82 3.96
CA LYS A 89 7.43 -14.85 2.98
C LYS A 89 7.92 -15.36 1.63
N SER A 90 9.24 -15.17 1.30
CA SER A 90 9.81 -15.58 0.00
C SER A 90 10.16 -17.09 -0.07
N LEU A 91 10.21 -17.77 1.07
CA LEU A 91 10.59 -19.20 1.11
C LEU A 91 9.61 -20.10 0.40
N PRO A 92 10.13 -21.10 -0.36
CA PRO A 92 9.24 -22.03 -1.08
C PRO A 92 8.82 -23.24 -0.22
N PHE A 93 9.17 -23.22 1.06
CA PHE A 93 8.89 -24.31 1.99
C PHE A 93 8.65 -23.77 3.42
N PRO A 94 7.93 -24.52 4.31
CA PRO A 94 7.75 -24.02 5.69
C PRO A 94 8.95 -24.32 6.57
N ILE A 95 9.34 -23.38 7.47
CA ILE A 95 10.39 -23.63 8.47
C ILE A 95 9.80 -24.65 9.45
N THR A 96 10.51 -25.77 9.70
CA THR A 96 9.99 -26.78 10.65
C THR A 96 11.03 -27.07 11.72
N SER A 97 12.23 -26.49 11.60
CA SER A 97 13.29 -26.63 12.62
C SER A 97 14.22 -25.43 12.52
N MET A 98 15.02 -25.19 13.55
CA MET A 98 15.95 -24.05 13.54
C MET A 98 17.03 -24.20 12.48
N LYS A 99 17.37 -25.46 12.14
CA LYS A 99 18.35 -25.81 11.09
C LYS A 99 17.91 -25.20 9.74
N ASP A 100 16.59 -25.17 9.47
CA ASP A 100 16.03 -24.60 8.22
C ASP A 100 16.32 -23.09 8.08
N THR A 101 16.73 -22.39 9.17
CA THR A 101 16.99 -20.95 9.09
C THR A 101 18.45 -20.65 8.66
N GLU A 102 19.32 -21.68 8.57
CA GLU A 102 20.72 -21.52 8.16
C GLU A 102 20.84 -20.93 6.75
N GLY A 103 21.65 -19.89 6.64
CA GLY A 103 21.90 -19.20 5.40
C GLY A 103 20.85 -18.16 5.04
N ILE A 104 19.76 -18.04 5.84
CA ILE A 104 18.71 -17.04 5.55
C ILE A 104 19.15 -15.69 6.15
N PRO A 105 19.25 -14.62 5.33
CA PRO A 105 19.64 -13.32 5.86
C PRO A 105 18.49 -12.65 6.62
N CYS A 106 18.79 -11.52 7.30
CA CYS A 106 17.82 -10.68 8.02
C CYS A 106 17.18 -11.42 9.22
N LEU A 107 17.85 -12.46 9.77
CA LEU A 107 17.32 -13.18 10.92
C LEU A 107 18.29 -13.03 12.09
N GLY A 108 18.10 -11.95 12.84
CA GLY A 108 18.89 -11.68 14.03
C GLY A 108 18.53 -12.59 15.19
N ASP A 109 19.27 -12.49 16.30
CA ASP A 109 19.08 -13.34 17.48
C ASP A 109 17.68 -13.19 18.09
N LYS A 110 17.14 -11.95 18.19
CA LYS A 110 15.78 -11.72 18.73
C LYS A 110 14.75 -12.42 17.86
N VAL A 111 14.88 -12.30 16.51
CA VAL A 111 13.95 -12.92 15.56
C VAL A 111 14.03 -14.45 15.69
N LYS A 112 15.24 -15.02 15.81
CA LYS A 112 15.44 -16.46 15.92
C LYS A 112 14.79 -17.01 17.19
N SER A 113 14.80 -16.24 18.32
CA SER A 113 14.10 -16.66 19.55
C SER A 113 12.59 -16.73 19.32
N ILE A 114 12.04 -15.79 18.52
CA ILE A 114 10.61 -15.79 18.22
C ILE A 114 10.25 -17.02 17.36
N ILE A 115 11.06 -17.31 16.32
CA ILE A 115 10.87 -18.47 15.44
C ILE A 115 10.95 -19.79 16.29
N GLU A 116 11.96 -19.90 17.16
CA GLU A 116 12.16 -21.06 18.04
C GLU A 116 10.90 -21.33 18.90
N GLY A 117 10.33 -20.28 19.46
CA GLY A 117 9.13 -20.36 20.28
C GLY A 117 7.91 -20.86 19.54
N ILE A 118 7.75 -20.46 18.27
CA ILE A 118 6.62 -20.87 17.43
C ILE A 118 6.81 -22.35 17.04
N ILE A 119 8.06 -22.78 16.76
CA ILE A 119 8.37 -24.19 16.43
C ILE A 119 7.97 -25.06 17.63
N GLU A 120 8.28 -24.60 18.84
CA GLU A 120 8.02 -25.31 20.11
C GLU A 120 6.55 -25.65 20.39
N ASP A 121 5.62 -24.67 20.30
CA ASP A 121 4.23 -24.97 20.61
C ASP A 121 3.19 -24.37 19.64
N GLY A 122 3.63 -24.00 18.43
CA GLY A 122 2.77 -23.42 17.39
C GLY A 122 2.26 -22.00 17.64
N GLU A 123 2.75 -21.35 18.69
CA GLU A 123 2.34 -20.01 19.06
C GLU A 123 3.51 -19.11 19.39
N SER A 124 3.31 -17.83 19.23
CA SER A 124 4.27 -16.83 19.68
C SER A 124 3.70 -16.18 20.94
N SER A 125 4.38 -16.40 22.08
CA SER A 125 3.99 -15.83 23.36
C SER A 125 4.12 -14.30 23.29
N GLU A 126 5.15 -13.81 22.57
CA GLU A 126 5.42 -12.38 22.35
C GLU A 126 4.30 -11.72 21.54
N ALA A 127 3.86 -12.34 20.41
CA ALA A 127 2.78 -11.78 19.58
C ALA A 127 1.42 -11.85 20.31
N LYS A 128 1.19 -12.95 21.10
CA LYS A 128 0.00 -13.14 21.95
C LYS A 128 -0.14 -11.99 22.97
N ALA A 129 0.98 -11.59 23.61
CA ALA A 129 1.02 -10.49 24.57
C ALA A 129 0.69 -9.16 23.89
N VAL A 130 1.14 -8.95 22.62
CA VAL A 130 0.85 -7.71 21.88
C VAL A 130 -0.68 -7.67 21.55
N LEU A 131 -1.24 -8.80 21.12
CA LEU A 131 -2.65 -8.88 20.77
C LEU A 131 -3.58 -8.62 21.96
N ASN A 132 -3.08 -8.85 23.20
CA ASN A 132 -3.82 -8.63 24.43
C ASN A 132 -3.48 -7.29 25.09
N ASP A 133 -2.49 -6.55 24.55
CA ASP A 133 -2.06 -5.24 25.04
C ASP A 133 -3.13 -4.19 24.74
N GLU A 134 -3.50 -3.38 25.74
CA GLU A 134 -4.55 -2.37 25.62
C GLU A 134 -4.19 -1.26 24.67
N ARG A 135 -2.93 -0.79 24.66
CA ARG A 135 -2.52 0.26 23.74
C ARG A 135 -2.56 -0.25 22.30
N TYR A 136 -2.04 -1.47 22.07
CA TYR A 136 -2.04 -2.05 20.74
C TYR A 136 -3.46 -2.23 20.23
N LYS A 137 -4.34 -2.79 21.03
CA LYS A 137 -5.74 -3.02 20.65
C LYS A 137 -6.45 -1.72 20.29
N SER A 138 -6.20 -0.65 21.06
CA SER A 138 -6.76 0.67 20.82
C SER A 138 -6.23 1.28 19.54
N PHE A 139 -4.91 1.21 19.30
CA PHE A 139 -4.31 1.79 18.11
C PHE A 139 -4.81 1.09 16.84
N LYS A 140 -4.94 -0.25 16.87
CA LYS A 140 -5.46 -0.99 15.73
C LYS A 140 -6.90 -0.61 15.44
N LEU A 141 -7.72 -0.58 16.49
CA LEU A 141 -9.14 -0.27 16.40
C LEU A 141 -9.36 1.16 15.94
N PHE A 142 -8.65 2.14 16.51
CA PHE A 142 -8.87 3.54 16.15
C PHE A 142 -8.36 3.87 14.75
N THR A 143 -7.16 3.38 14.36
CA THR A 143 -6.64 3.67 13.01
C THR A 143 -7.39 2.85 11.91
N SER A 144 -8.27 1.92 12.28
CA SER A 144 -9.11 1.16 11.34
C SER A 144 -10.21 2.09 10.76
N VAL A 145 -10.35 3.30 11.35
CA VAL A 145 -11.26 4.33 10.89
C VAL A 145 -10.52 5.18 9.85
N PHE A 146 -11.14 5.37 8.66
CA PHE A 146 -10.58 6.23 7.62
C PHE A 146 -10.49 7.68 8.19
N GLY A 147 -9.31 8.27 8.15
CA GLY A 147 -9.09 9.62 8.66
C GLY A 147 -8.39 9.68 10.01
N VAL A 148 -8.16 8.51 10.64
CA VAL A 148 -7.53 8.44 11.95
C VAL A 148 -6.13 7.84 11.80
N GLY A 149 -5.15 8.63 12.19
CA GLY A 149 -3.75 8.24 12.19
C GLY A 149 -3.21 8.06 13.59
N LEU A 150 -1.90 7.84 13.70
CA LEU A 150 -1.20 7.60 14.96
C LEU A 150 -1.45 8.68 16.02
N LYS A 151 -1.36 9.96 15.66
CA LYS A 151 -1.54 11.08 16.58
C LYS A 151 -2.96 11.16 17.17
N THR A 152 -4.02 11.05 16.33
CA THR A 152 -5.41 11.06 16.81
C THR A 152 -5.71 9.79 17.66
N ALA A 153 -5.18 8.62 17.27
CA ALA A 153 -5.39 7.39 18.01
C ALA A 153 -4.76 7.50 19.41
N GLU A 154 -3.56 8.09 19.51
CA GLU A 154 -2.82 8.33 20.76
C GLU A 154 -3.56 9.32 21.65
N LYS A 155 -4.12 10.38 21.07
CA LYS A 155 -4.89 11.40 21.74
C LYS A 155 -6.13 10.77 22.41
N TRP A 156 -6.90 9.96 21.64
CA TRP A 156 -8.11 9.32 22.14
C TRP A 156 -7.80 8.32 23.23
N PHE A 157 -6.69 7.57 23.10
CA PHE A 157 -6.27 6.59 24.10
C PHE A 157 -5.95 7.30 25.43
N ARG A 158 -5.20 8.40 25.39
CA ARG A 158 -4.83 9.17 26.59
C ARG A 158 -6.04 9.96 27.19
N MET A 159 -7.16 10.07 26.43
CA MET A 159 -8.40 10.64 26.93
C MET A 159 -9.22 9.57 27.64
N GLY A 160 -8.81 8.30 27.52
CA GLY A 160 -9.48 7.17 28.16
C GLY A 160 -10.45 6.41 27.28
N PHE A 161 -10.51 6.73 25.97
CA PHE A 161 -11.39 6.01 25.04
C PHE A 161 -10.81 4.65 24.69
N ARG A 162 -11.69 3.62 24.61
CA ARG A 162 -11.29 2.26 24.25
C ARG A 162 -12.17 1.65 23.16
N THR A 163 -13.34 2.23 22.91
CA THR A 163 -14.25 1.66 21.90
C THR A 163 -14.68 2.75 20.90
N LEU A 164 -15.01 2.35 19.69
CA LEU A 164 -15.45 3.27 18.64
C LEU A 164 -16.82 3.82 18.97
N SER A 165 -17.67 3.03 19.64
CA SER A 165 -19.01 3.47 20.08
C SER A 165 -18.91 4.68 21.02
N LYS A 166 -17.93 4.64 21.96
CA LYS A 166 -17.73 5.72 22.92
C LYS A 166 -17.14 6.94 22.24
N ILE A 167 -16.30 6.75 21.22
CA ILE A 167 -15.72 7.89 20.47
C ILE A 167 -16.82 8.62 19.67
N GLN A 168 -17.58 7.89 18.89
CA GLN A 168 -18.64 8.42 18.02
C GLN A 168 -19.74 9.15 18.76
N SER A 169 -20.12 8.65 19.95
CA SER A 169 -21.22 9.19 20.71
C SER A 169 -20.79 10.32 21.66
N ASP A 170 -19.47 10.58 21.80
CA ASP A 170 -18.99 11.65 22.67
C ASP A 170 -19.45 13.01 22.14
N LYS A 171 -19.99 13.89 23.03
CA LYS A 171 -20.53 15.17 22.58
C LYS A 171 -19.50 16.30 22.61
N SER A 172 -18.27 16.06 23.12
CA SER A 172 -17.21 17.08 23.15
C SER A 172 -16.23 16.94 22.00
N LEU A 173 -16.01 15.71 21.48
CA LEU A 173 -15.08 15.43 20.38
C LEU A 173 -15.47 16.12 19.08
N ARG A 174 -14.44 16.59 18.35
CA ARG A 174 -14.61 17.25 17.05
C ARG A 174 -13.88 16.41 16.03
N PHE A 175 -14.58 16.10 14.94
CA PHE A 175 -14.02 15.21 13.90
C PHE A 175 -13.75 15.94 12.60
N THR A 176 -12.67 15.55 11.90
CA THR A 176 -12.34 16.07 10.56
C THR A 176 -13.35 15.49 9.55
N GLN A 177 -13.51 16.10 8.40
CA GLN A 177 -14.45 15.62 7.37
C GLN A 177 -14.09 14.18 6.92
N MET A 178 -12.77 13.85 6.90
CA MET A 178 -12.25 12.51 6.59
C MET A 178 -12.74 11.48 7.63
N GLN A 179 -12.65 11.82 8.93
CA GLN A 179 -13.10 10.96 10.06
C GLN A 179 -14.62 10.77 10.09
N LYS A 180 -15.39 11.82 9.77
CA LYS A 180 -16.86 11.75 9.65
C LYS A 180 -17.26 10.70 8.62
N ALA A 181 -16.58 10.71 7.44
CA ALA A 181 -16.78 9.72 6.37
C ALA A 181 -16.30 8.35 6.84
N GLY A 182 -15.18 8.30 7.55
CA GLY A 182 -14.64 7.08 8.14
C GLY A 182 -15.62 6.39 9.08
N PHE A 183 -16.34 7.18 9.90
CA PHE A 183 -17.35 6.64 10.82
C PHE A 183 -18.65 6.32 10.10
N LEU A 184 -19.11 7.19 9.19
CA LEU A 184 -20.38 6.98 8.49
C LEU A 184 -20.37 5.70 7.62
N TYR A 185 -19.23 5.40 6.96
CA TYR A 185 -19.10 4.24 6.06
C TYR A 185 -18.20 3.16 6.66
N TYR A 186 -18.02 3.16 7.99
CA TYR A 186 -17.13 2.25 8.71
C TYR A 186 -17.29 0.76 8.34
N GLU A 187 -18.51 0.19 8.46
CA GLU A 187 -18.74 -1.24 8.23
C GLU A 187 -18.37 -1.67 6.81
N ASP A 188 -18.70 -0.88 5.79
CA ASP A 188 -18.35 -1.12 4.38
C ASP A 188 -16.83 -1.04 4.17
N LEU A 189 -16.18 -0.01 4.72
CA LEU A 189 -14.74 0.18 4.58
C LEU A 189 -13.92 -0.89 5.33
N VAL A 190 -14.45 -1.45 6.43
CA VAL A 190 -13.72 -2.44 7.19
C VAL A 190 -13.90 -3.85 6.57
N SER A 191 -15.00 -4.09 5.82
CA SER A 191 -15.18 -5.36 5.08
C SER A 191 -14.25 -5.21 3.86
N CYS A 192 -13.21 -6.03 3.71
N CYS A 192 -13.25 -6.09 3.70
CA CYS A 192 -12.28 -5.73 2.62
CA CYS A 192 -12.30 -5.90 2.59
C CYS A 192 -12.83 -6.09 1.23
C CYS A 192 -12.96 -6.06 1.20
N VAL A 193 -12.57 -5.18 0.26
CA VAL A 193 -12.99 -5.14 -1.17
C VAL A 193 -12.54 -6.43 -1.87
N ASN A 194 -13.44 -7.10 -2.60
CA ASN A 194 -13.08 -8.33 -3.30
C ASN A 194 -12.80 -8.03 -4.81
N ARG A 195 -12.35 -9.00 -5.60
CA ARG A 195 -11.98 -8.79 -7.01
C ARG A 195 -13.22 -8.41 -7.87
N PRO A 196 -14.42 -9.05 -7.75
CA PRO A 196 -15.59 -8.56 -8.51
C PRO A 196 -15.88 -7.07 -8.24
N GLU A 197 -15.74 -6.61 -6.98
CA GLU A 197 -15.95 -5.20 -6.62
C GLU A 197 -14.84 -4.32 -7.23
N ALA A 198 -13.56 -4.74 -7.15
CA ALA A 198 -12.43 -3.99 -7.73
C ALA A 198 -12.62 -3.83 -9.22
N GLU A 199 -13.12 -4.88 -9.90
CA GLU A 199 -13.36 -4.86 -11.34
C GLU A 199 -14.51 -3.92 -11.68
N ALA A 200 -15.55 -3.92 -10.86
CA ALA A 200 -16.72 -3.04 -11.04
C ALA A 200 -16.30 -1.59 -10.88
N VAL A 201 -15.37 -1.31 -9.94
CA VAL A 201 -14.82 0.03 -9.71
C VAL A 201 -13.98 0.41 -10.92
N SER A 202 -13.15 -0.52 -11.46
CA SER A 202 -12.32 -0.28 -12.67
C SER A 202 -13.15 0.19 -13.85
N MET A 203 -14.32 -0.43 -14.05
CA MET A 203 -15.27 -0.10 -15.10
C MET A 203 -15.76 1.34 -14.94
N LEU A 204 -16.17 1.72 -13.71
CA LEU A 204 -16.62 3.06 -13.36
C LEU A 204 -15.53 4.09 -13.63
N VAL A 205 -14.28 3.81 -13.21
CA VAL A 205 -13.15 4.70 -13.37
C VAL A 205 -12.89 4.91 -14.87
N LYS A 206 -12.77 3.81 -15.64
CA LYS A 206 -12.50 3.87 -17.09
C LYS A 206 -13.60 4.63 -17.83
N GLU A 207 -14.89 4.36 -17.53
CA GLU A 207 -16.05 5.04 -18.13
C GLU A 207 -16.01 6.54 -17.91
N ALA A 208 -15.68 6.98 -16.69
CA ALA A 208 -15.59 8.38 -16.34
C ALA A 208 -14.40 9.07 -17.02
N VAL A 209 -13.20 8.45 -16.92
CA VAL A 209 -11.95 8.97 -17.46
C VAL A 209 -12.01 9.17 -19.00
N VAL A 210 -12.44 8.14 -19.78
CA VAL A 210 -12.48 8.23 -21.25
C VAL A 210 -13.52 9.25 -21.75
N THR A 211 -14.50 9.63 -20.89
CA THR A 211 -15.51 10.66 -21.21
C THR A 211 -14.81 12.00 -21.45
N PHE A 212 -13.72 12.28 -20.71
CA PHE A 212 -12.99 13.55 -20.80
C PHE A 212 -11.64 13.40 -21.56
N LEU A 213 -10.94 12.26 -21.42
CA LEU A 213 -9.68 11.93 -22.12
C LEU A 213 -9.82 10.55 -22.80
N PRO A 214 -10.33 10.46 -24.05
CA PRO A 214 -10.56 9.13 -24.66
C PRO A 214 -9.30 8.30 -24.91
N ASP A 215 -8.10 8.93 -24.96
CA ASP A 215 -6.86 8.16 -25.20
C ASP A 215 -6.17 7.72 -23.88
N ALA A 216 -6.80 8.00 -22.72
CA ALA A 216 -6.19 7.72 -21.42
C ALA A 216 -6.06 6.24 -21.14
N LEU A 217 -4.95 5.89 -20.50
CA LEU A 217 -4.63 4.55 -20.06
C LEU A 217 -4.86 4.47 -18.56
N VAL A 218 -5.74 3.57 -18.13
CA VAL A 218 -6.11 3.38 -16.73
C VAL A 218 -5.64 2.00 -16.32
N THR A 219 -4.82 1.92 -15.26
CA THR A 219 -4.29 0.64 -14.77
C THR A 219 -4.59 0.49 -13.29
N MET A 220 -5.13 -0.67 -12.89
CA MET A 220 -5.35 -0.98 -11.49
C MET A 220 -3.99 -1.34 -10.89
N THR A 221 -3.60 -0.67 -9.81
CA THR A 221 -2.28 -0.92 -9.18
C THR A 221 -2.51 -1.56 -7.77
N GLY A 222 -1.57 -1.36 -6.85
CA GLY A 222 -1.63 -1.88 -5.48
C GLY A 222 -1.71 -3.39 -5.43
N GLY A 223 -2.29 -3.90 -4.35
CA GLY A 223 -2.42 -5.31 -4.02
C GLY A 223 -3.10 -6.17 -5.06
N PHE A 224 -4.20 -5.65 -5.67
CA PHE A 224 -4.93 -6.40 -6.73
C PHE A 224 -4.03 -6.66 -7.91
N ARG A 225 -3.15 -5.72 -8.28
CA ARG A 225 -2.21 -5.96 -9.38
C ARG A 225 -1.18 -7.04 -8.97
N ARG A 226 -0.92 -7.21 -7.66
CA ARG A 226 0.00 -8.24 -7.18
C ARG A 226 -0.67 -9.63 -6.98
N GLY A 227 -1.93 -9.76 -7.40
CA GLY A 227 -2.67 -11.01 -7.32
C GLY A 227 -3.58 -11.22 -6.12
N LYS A 228 -3.70 -10.20 -5.22
CA LYS A 228 -4.50 -10.38 -4.03
C LYS A 228 -6.01 -10.54 -4.33
N MET A 229 -6.68 -11.32 -3.50
CA MET A 229 -8.11 -11.57 -3.60
C MET A 229 -8.89 -10.45 -2.97
N THR A 230 -8.30 -9.79 -1.98
CA THR A 230 -8.95 -8.69 -1.28
C THR A 230 -7.99 -7.52 -1.09
N GLY A 231 -8.55 -6.39 -0.72
CA GLY A 231 -7.82 -5.18 -0.40
C GLY A 231 -8.65 -4.19 0.36
N HIS A 232 -8.01 -3.21 1.00
CA HIS A 232 -8.71 -2.17 1.79
C HIS A 232 -9.24 -1.06 0.87
N ASP A 233 -8.63 -0.95 -0.32
CA ASP A 233 -8.98 0.03 -1.34
C ASP A 233 -8.72 -0.49 -2.76
N VAL A 234 -8.99 0.35 -3.77
CA VAL A 234 -8.71 0.07 -5.17
C VAL A 234 -8.00 1.28 -5.71
N ASP A 235 -6.76 1.06 -6.19
CA ASP A 235 -5.90 2.12 -6.69
C ASP A 235 -5.73 2.03 -8.17
N PHE A 236 -5.68 3.18 -8.82
CA PHE A 236 -5.54 3.29 -10.27
C PHE A 236 -4.52 4.32 -10.66
N LEU A 237 -3.79 4.03 -11.71
CA LEU A 237 -2.86 4.96 -12.32
C LEU A 237 -3.49 5.37 -13.64
N ILE A 238 -3.62 6.67 -13.87
CA ILE A 238 -4.20 7.23 -15.09
C ILE A 238 -3.11 8.04 -15.78
N THR A 239 -2.98 7.89 -17.10
CA THR A 239 -2.00 8.62 -17.90
C THR A 239 -2.54 8.79 -19.33
N SER A 240 -2.14 9.88 -20.01
CA SER A 240 -2.61 10.14 -21.36
C SER A 240 -1.46 10.53 -22.29
N PRO A 241 -1.24 9.82 -23.41
CA PRO A 241 -0.13 10.19 -24.31
C PRO A 241 -0.30 11.55 -25.02
N GLU A 242 -1.55 12.02 -25.24
CA GLU A 242 -1.75 13.28 -25.97
C GLU A 242 -2.27 14.48 -25.13
N ALA A 243 -2.70 14.27 -23.86
CA ALA A 243 -3.22 15.36 -23.02
C ALA A 243 -2.17 16.43 -22.74
N THR A 244 -2.61 17.69 -22.63
CA THR A 244 -1.73 18.82 -22.29
C THR A 244 -1.49 18.84 -20.77
N GLU A 245 -0.63 19.75 -20.27
CA GLU A 245 -0.36 19.89 -18.83
C GLU A 245 -1.64 20.31 -18.09
N ASP A 246 -2.45 21.20 -18.70
CA ASP A 246 -3.72 21.68 -18.16
C ASP A 246 -4.79 20.57 -18.23
N GLU A 247 -4.88 19.82 -19.34
CA GLU A 247 -5.85 18.73 -19.47
C GLU A 247 -5.60 17.65 -18.40
N GLU A 248 -4.31 17.33 -18.17
CA GLU A 248 -3.81 16.38 -17.17
C GLU A 248 -4.20 16.82 -15.78
N GLN A 249 -4.17 18.13 -15.52
CA GLN A 249 -4.51 18.74 -14.23
C GLN A 249 -6.03 18.70 -13.98
N GLN A 250 -6.82 18.90 -15.02
CA GLN A 250 -8.27 19.02 -14.87
C GLN A 250 -9.03 17.70 -14.82
N LEU A 251 -8.45 16.60 -15.30
CA LEU A 251 -9.15 15.31 -15.39
C LEU A 251 -9.76 14.84 -14.04
N LEU A 252 -8.99 14.83 -12.94
CA LEU A 252 -9.51 14.34 -11.64
C LEU A 252 -10.68 15.22 -11.14
N HIS A 253 -10.65 16.55 -11.42
CA HIS A 253 -11.74 17.48 -11.08
C HIS A 253 -12.97 17.18 -11.94
N LYS A 254 -12.81 16.92 -13.26
CA LYS A 254 -13.92 16.61 -14.16
C LYS A 254 -14.59 15.27 -13.79
N VAL A 255 -13.77 14.25 -13.52
CA VAL A 255 -14.25 12.91 -13.19
C VAL A 255 -15.02 12.91 -11.85
N THR A 256 -14.50 13.60 -10.82
CA THR A 256 -15.15 13.64 -9.51
C THR A 256 -16.44 14.49 -9.57
N ASP A 257 -16.47 15.61 -10.37
CA ASP A 257 -17.69 16.43 -10.55
C ASP A 257 -18.78 15.58 -11.24
N PHE A 258 -18.39 14.75 -12.23
CA PHE A 258 -19.29 13.84 -12.94
C PHE A 258 -19.93 12.86 -11.97
N TRP A 259 -19.12 12.26 -11.06
CA TRP A 259 -19.59 11.33 -10.03
C TRP A 259 -20.46 12.04 -8.98
N LYS A 260 -20.12 13.31 -8.64
CA LYS A 260 -20.88 14.14 -7.70
C LYS A 260 -22.29 14.36 -8.29
N GLN A 261 -22.39 14.66 -9.61
CA GLN A 261 -23.64 14.85 -10.35
C GLN A 261 -24.46 13.56 -10.39
N GLN A 262 -23.77 12.40 -10.53
CA GLN A 262 -24.34 11.04 -10.56
C GLN A 262 -24.88 10.58 -9.19
N GLY A 263 -24.33 11.14 -8.12
CA GLY A 263 -24.66 10.82 -6.73
C GLY A 263 -23.84 9.67 -6.20
N LEU A 264 -22.62 9.50 -6.75
CA LEU A 264 -21.71 8.40 -6.43
C LEU A 264 -20.53 8.82 -5.58
N LEU A 265 -20.26 10.13 -5.47
CA LEU A 265 -19.13 10.63 -4.69
C LEU A 265 -19.54 10.80 -3.23
N LEU A 266 -19.04 9.93 -2.36
CA LEU A 266 -19.32 9.96 -0.93
C LEU A 266 -18.24 10.75 -0.16
N TYR A 267 -17.01 10.77 -0.67
CA TYR A 267 -15.90 11.51 -0.09
C TYR A 267 -14.90 11.81 -1.19
N CYS A 268 -14.26 12.97 -1.17
CA CYS A 268 -13.29 13.35 -2.18
C CYS A 268 -12.28 14.35 -1.61
N ASP A 269 -10.99 14.05 -1.77
CA ASP A 269 -9.88 14.90 -1.41
C ASP A 269 -8.89 14.83 -2.55
N ILE A 270 -8.71 15.95 -3.30
CA ILE A 270 -7.79 16.01 -4.44
C ILE A 270 -6.54 16.76 -4.01
N LEU A 271 -5.39 16.10 -4.13
CA LEU A 271 -4.09 16.70 -3.83
C LEU A 271 -3.47 17.13 -5.13
N GLU A 272 -3.28 18.46 -5.30
CA GLU A 272 -2.68 19.00 -6.51
C GLU A 272 -1.23 18.52 -6.63
N SER A 273 -0.76 18.45 -7.86
CA SER A 273 0.60 18.01 -8.12
C SER A 273 1.63 19.02 -7.59
N THR A 274 2.77 18.52 -7.13
CA THR A 274 3.92 19.31 -6.70
C THR A 274 5.10 18.76 -7.51
N PHE A 275 4.78 18.01 -8.59
CA PHE A 275 5.75 17.35 -9.49
C PHE A 275 6.66 18.37 -10.13
N GLU A 276 7.96 18.07 -10.11
CA GLU A 276 8.99 18.88 -10.73
C GLU A 276 9.73 18.01 -11.75
N LYS A 277 9.53 18.32 -13.05
CA LYS A 277 10.09 17.62 -14.21
C LYS A 277 11.62 17.41 -14.12
N PHE A 278 12.38 18.39 -13.61
CA PHE A 278 13.83 18.28 -13.60
C PHE A 278 14.48 18.11 -12.19
N LYS A 279 13.69 17.77 -11.15
CA LYS A 279 14.26 17.52 -9.82
C LYS A 279 14.84 16.08 -9.74
N GLN A 280 15.97 15.93 -9.00
CA GLN A 280 16.61 14.62 -8.76
C GLN A 280 15.64 13.74 -7.94
N PRO A 281 15.63 12.40 -8.11
CA PRO A 281 14.72 11.57 -7.29
C PRO A 281 15.09 11.60 -5.79
N SER A 282 14.12 11.27 -4.94
CA SER A 282 14.21 11.27 -3.48
C SER A 282 15.36 10.40 -2.93
N ARG A 283 15.97 10.90 -1.85
CA ARG A 283 17.04 10.24 -1.11
C ARG A 283 16.44 9.54 0.15
N LYS A 284 15.18 9.91 0.50
CA LYS A 284 14.44 9.37 1.65
C LYS A 284 14.26 7.86 1.59
N VAL A 285 14.20 7.22 2.79
CA VAL A 285 14.01 5.78 2.97
C VAL A 285 12.63 5.40 2.37
N ASP A 286 11.60 6.19 2.72
CA ASP A 286 10.23 6.09 2.22
C ASP A 286 9.96 7.35 1.39
N ALA A 287 9.99 7.19 0.06
CA ALA A 287 9.83 8.30 -0.89
C ALA A 287 8.37 8.76 -1.01
N LEU A 288 8.20 10.09 -1.04
CA LEU A 288 6.92 10.81 -1.22
C LEU A 288 6.56 10.90 -2.70
N ASP A 289 5.27 10.82 -3.01
CA ASP A 289 4.78 10.91 -4.38
C ASP A 289 4.21 12.33 -4.61
N HIS A 290 4.74 13.02 -5.63
CA HIS A 290 4.37 14.40 -5.91
C HIS A 290 3.32 14.53 -7.03
N PHE A 291 2.80 13.40 -7.57
CA PHE A 291 1.82 13.47 -8.66
C PHE A 291 0.45 13.93 -8.13
N GLN A 292 -0.40 14.47 -9.02
CA GLN A 292 -1.77 14.83 -8.68
C GLN A 292 -2.52 13.55 -8.33
N LYS A 293 -3.23 13.53 -7.20
CA LYS A 293 -3.95 12.32 -6.78
C LYS A 293 -5.21 12.66 -6.03
N CYS A 294 -6.10 11.67 -5.87
CA CYS A 294 -7.30 11.87 -5.08
C CYS A 294 -7.62 10.62 -4.30
N PHE A 295 -8.08 10.84 -3.07
CA PHE A 295 -8.51 9.85 -2.11
C PHE A 295 -10.01 9.95 -2.09
N LEU A 296 -10.69 8.90 -2.49
CA LEU A 296 -12.14 8.91 -2.63
C LEU A 296 -12.82 7.80 -1.91
N ILE A 297 -14.13 7.99 -1.74
CA ILE A 297 -15.09 6.99 -1.31
C ILE A 297 -16.20 7.04 -2.38
N LEU A 298 -16.40 5.93 -3.07
CA LEU A 298 -17.42 5.83 -4.10
C LEU A 298 -18.57 4.97 -3.66
N LYS A 299 -19.75 5.28 -4.17
CA LYS A 299 -20.95 4.49 -3.97
C LYS A 299 -20.98 3.44 -5.07
N LEU A 300 -20.81 2.15 -4.71
CA LEU A 300 -20.81 1.06 -5.68
C LEU A 300 -22.12 0.27 -5.59
N ASP A 301 -23.00 0.48 -6.59
CA ASP A 301 -24.29 -0.22 -6.63
C ASP A 301 -24.08 -1.73 -6.85
N HIS A 302 -24.85 -2.57 -6.13
CA HIS A 302 -24.77 -4.04 -6.17
C HIS A 302 -24.92 -4.58 -7.60
N GLY A 303 -25.79 -3.98 -8.39
CA GLY A 303 -26.05 -4.35 -9.79
C GLY A 303 -24.85 -4.31 -10.71
N ARG A 304 -23.84 -3.50 -10.40
CA ARG A 304 -22.61 -3.33 -11.16
C ARG A 304 -21.58 -4.44 -10.88
N VAL A 305 -21.77 -5.20 -9.79
CA VAL A 305 -20.86 -6.25 -9.32
C VAL A 305 -21.30 -7.61 -9.86
N HIS A 306 -20.41 -8.29 -10.62
CA HIS A 306 -20.70 -9.61 -11.19
C HIS A 306 -19.91 -10.65 -10.43
N SER A 307 -20.51 -11.10 -9.33
CA SER A 307 -19.89 -12.06 -8.42
C SER A 307 -20.69 -13.36 -8.34
N GLU A 308 -20.23 -14.27 -7.47
CA GLU A 308 -20.92 -15.55 -7.22
C GLU A 308 -22.18 -15.32 -6.38
N LYS A 309 -22.16 -14.27 -5.51
CA LYS A 309 -23.29 -13.89 -4.67
C LYS A 309 -24.10 -12.77 -5.35
N GLY A 315 -28.61 -5.90 1.61
CA GLY A 315 -29.05 -4.83 2.49
C GLY A 315 -29.53 -3.58 1.76
N LYS A 316 -28.77 -2.46 1.90
CA LYS A 316 -29.03 -1.15 1.28
C LYS A 316 -28.90 -1.16 -0.26
N GLY A 317 -28.23 -2.18 -0.80
CA GLY A 317 -28.05 -2.37 -2.24
C GLY A 317 -26.84 -1.68 -2.84
N TRP A 318 -25.94 -1.15 -2.01
CA TRP A 318 -24.70 -0.51 -2.44
C TRP A 318 -23.64 -0.65 -1.36
N LYS A 319 -22.38 -0.44 -1.74
CA LYS A 319 -21.25 -0.55 -0.83
C LYS A 319 -20.31 0.65 -1.03
N ALA A 320 -19.85 1.25 0.08
CA ALA A 320 -18.87 2.32 0.07
C ALA A 320 -17.52 1.66 -0.17
N ILE A 321 -16.74 2.21 -1.14
CA ILE A 321 -15.43 1.67 -1.52
C ILE A 321 -14.41 2.77 -1.53
N ARG A 322 -13.26 2.52 -0.89
CA ARG A 322 -12.13 3.46 -0.92
C ARG A 322 -11.43 3.29 -2.26
N VAL A 323 -11.23 4.40 -2.95
CA VAL A 323 -10.61 4.43 -4.28
C VAL A 323 -9.55 5.53 -4.30
N ASP A 324 -8.35 5.21 -4.80
CA ASP A 324 -7.33 6.24 -5.02
C ASP A 324 -7.01 6.33 -6.49
N LEU A 325 -6.96 7.54 -7.02
CA LEU A 325 -6.62 7.80 -8.42
C LEU A 325 -5.39 8.64 -8.45
N VAL A 326 -4.43 8.27 -9.28
CA VAL A 326 -3.17 8.98 -9.49
C VAL A 326 -3.06 9.33 -10.96
N MET A 327 -2.77 10.61 -11.26
CA MET A 327 -2.57 11.07 -12.64
C MET A 327 -1.09 11.39 -12.81
N CYS A 328 -0.43 10.79 -13.80
CA CYS A 328 0.98 11.11 -14.00
C CYS A 328 1.28 11.52 -15.45
N PRO A 329 2.39 12.27 -15.70
CA PRO A 329 2.77 12.56 -17.08
C PRO A 329 3.13 11.25 -17.81
N TYR A 330 2.76 11.15 -19.08
CA TYR A 330 2.97 9.95 -19.89
C TYR A 330 4.39 9.36 -19.83
N ASP A 331 5.43 10.19 -19.92
CA ASP A 331 6.82 9.75 -19.91
C ASP A 331 7.26 9.14 -18.57
N ARG A 332 6.52 9.40 -17.47
CA ARG A 332 6.88 8.85 -16.15
C ARG A 332 6.00 7.64 -15.73
N ARG A 333 5.13 7.16 -16.65
CA ARG A 333 4.18 6.11 -16.35
C ARG A 333 4.80 4.82 -15.80
N ALA A 334 6.02 4.43 -16.28
CA ALA A 334 6.63 3.19 -15.81
C ALA A 334 7.10 3.31 -14.37
N PHE A 335 7.64 4.46 -14.00
CA PHE A 335 8.15 4.73 -12.63
C PHE A 335 7.01 4.79 -11.66
N ALA A 336 5.89 5.44 -12.06
CA ALA A 336 4.68 5.56 -11.21
C ALA A 336 4.04 4.18 -11.02
N LEU A 337 3.88 3.39 -12.09
CA LEU A 337 3.33 2.04 -12.03
C LEU A 337 4.15 1.14 -11.07
N LEU A 338 5.48 1.19 -11.22
CA LEU A 338 6.39 0.44 -10.38
C LEU A 338 6.25 0.86 -8.90
N GLY A 339 6.15 2.15 -8.62
CA GLY A 339 5.96 2.64 -7.25
C GLY A 339 4.59 2.35 -6.67
N TRP A 340 3.53 2.46 -7.46
CA TRP A 340 2.16 2.22 -6.97
C TRP A 340 1.77 0.73 -6.96
N THR A 341 2.59 -0.16 -7.53
CA THR A 341 2.24 -1.59 -7.51
C THR A 341 2.62 -2.16 -6.14
N GLY A 342 3.71 -1.65 -5.56
CA GLY A 342 4.23 -2.13 -4.30
C GLY A 342 4.85 -3.54 -4.39
N SER A 343 4.90 -4.32 -3.29
CA SER A 343 4.44 -3.98 -1.93
C SER A 343 5.32 -2.88 -1.33
N ARG A 344 4.96 -2.37 -0.15
CA ARG A 344 5.75 -1.32 0.54
C ARG A 344 7.22 -1.81 0.74
N GLN A 345 7.41 -3.06 1.20
CA GLN A 345 8.75 -3.62 1.43
C GLN A 345 9.51 -3.82 0.12
N PHE A 346 8.83 -4.21 -0.95
CA PHE A 346 9.47 -4.36 -2.26
C PHE A 346 10.00 -3.00 -2.75
N GLU A 347 9.20 -1.93 -2.61
CA GLU A 347 9.56 -0.55 -2.97
C GLU A 347 10.76 -0.05 -2.16
N ARG A 348 10.73 -0.23 -0.83
CA ARG A 348 11.83 0.17 0.06
C ARG A 348 13.15 -0.49 -0.36
N ASP A 349 13.14 -1.82 -0.59
CA ASP A 349 14.34 -2.54 -1.00
C ASP A 349 14.81 -2.19 -2.42
N LEU A 350 13.90 -1.90 -3.35
CA LEU A 350 14.24 -1.45 -4.71
C LEU A 350 15.08 -0.18 -4.64
N ARG A 351 14.59 0.81 -3.86
CA ARG A 351 15.24 2.11 -3.72
C ARG A 351 16.58 1.97 -2.96
N ARG A 352 16.63 1.09 -1.96
CA ARG A 352 17.83 0.82 -1.16
C ARG A 352 18.89 0.14 -2.02
N TYR A 353 18.51 -0.88 -2.81
CA TYR A 353 19.38 -1.56 -3.76
C TYR A 353 19.90 -0.53 -4.81
N ALA A 354 19.00 0.26 -5.44
CA ALA A 354 19.41 1.29 -6.42
C ALA A 354 20.50 2.19 -5.86
N THR A 355 20.35 2.69 -4.62
CA THR A 355 21.30 3.59 -3.98
C THR A 355 22.60 2.91 -3.60
N HIS A 356 22.53 1.86 -2.78
CA HIS A 356 23.67 1.19 -2.18
C HIS A 356 24.46 0.34 -3.12
N GLU A 357 23.79 -0.36 -4.07
CA GLU A 357 24.50 -1.28 -4.98
C GLU A 357 24.82 -0.66 -6.35
N ARG A 358 23.96 0.21 -6.87
CA ARG A 358 24.12 0.75 -8.23
C ARG A 358 24.44 2.26 -8.31
N LYS A 359 24.45 2.97 -7.19
CA LYS A 359 24.68 4.43 -7.11
C LYS A 359 23.66 5.12 -8.03
N MET A 360 22.40 4.64 -7.98
CA MET A 360 21.26 5.18 -8.71
C MET A 360 20.22 5.68 -7.73
N MET A 361 19.37 6.62 -8.16
CA MET A 361 18.37 7.22 -7.29
C MET A 361 17.02 6.97 -7.90
N LEU A 362 16.19 6.23 -7.20
CA LEU A 362 14.91 5.83 -7.75
C LEU A 362 13.77 6.29 -6.89
N ASP A 363 12.67 6.73 -7.50
CA ASP A 363 11.43 7.08 -6.83
C ASP A 363 10.29 6.89 -7.84
N ASN A 364 9.08 7.31 -7.53
CA ASN A 364 7.90 7.13 -8.39
C ASN A 364 7.91 7.96 -9.66
N HIS A 365 8.80 8.95 -9.73
CA HIS A 365 8.80 9.88 -10.87
C HIS A 365 9.98 9.64 -11.82
N ALA A 366 11.12 9.08 -11.37
CA ALA A 366 12.31 8.98 -12.23
C ALA A 366 13.40 8.03 -11.67
N LEU A 367 14.44 7.80 -12.48
CA LEU A 367 15.63 7.00 -12.17
C LEU A 367 16.82 7.78 -12.63
N TYR A 368 17.70 8.13 -11.69
CA TYR A 368 18.87 8.92 -11.97
C TYR A 368 20.14 8.15 -11.67
N ASP A 369 21.07 8.16 -12.63
CA ASP A 369 22.38 7.51 -12.55
C ASP A 369 23.41 8.56 -12.13
N ARG A 370 23.93 8.45 -10.89
CA ARG A 370 24.87 9.39 -10.32
C ARG A 370 26.27 9.31 -10.97
N THR A 371 26.64 8.14 -11.51
CA THR A 371 27.95 7.95 -12.17
C THR A 371 27.91 8.53 -13.58
N LYS A 372 26.86 8.21 -14.35
CA LYS A 372 26.72 8.68 -15.73
C LYS A 372 26.18 10.11 -15.77
N ARG A 373 25.65 10.63 -14.63
CA ARG A 373 25.05 11.95 -14.46
C ARG A 373 23.92 12.16 -15.46
N VAL A 374 23.08 11.12 -15.65
CA VAL A 374 21.94 11.16 -16.55
C VAL A 374 20.70 10.52 -15.91
N PHE A 375 19.52 11.01 -16.32
CA PHE A 375 18.25 10.38 -15.97
C PHE A 375 18.03 9.25 -16.96
N LEU A 376 17.60 8.09 -16.46
CA LEU A 376 17.38 6.91 -17.32
C LEU A 376 15.91 6.82 -17.67
N GLU A 377 15.63 6.69 -18.96
CA GLU A 377 14.28 6.63 -19.51
C GLU A 377 13.79 5.20 -19.51
N ALA A 378 12.47 5.03 -19.37
CA ALA A 378 11.85 3.72 -19.37
C ALA A 378 10.41 3.82 -19.87
N GLU A 379 10.03 2.90 -20.72
CA GLU A 379 8.67 2.83 -21.27
C GLU A 379 7.91 1.72 -20.58
N SER A 380 8.61 0.88 -19.79
CA SER A 380 8.03 -0.27 -19.07
C SER A 380 8.78 -0.53 -17.78
N GLU A 381 8.18 -1.35 -16.87
CA GLU A 381 8.83 -1.73 -15.62
C GLU A 381 10.07 -2.59 -15.93
N GLU A 382 9.96 -3.48 -16.96
CA GLU A 382 11.06 -4.35 -17.42
C GLU A 382 12.33 -3.54 -17.70
N GLU A 383 12.20 -2.38 -18.39
CA GLU A 383 13.32 -1.48 -18.68
C GLU A 383 13.93 -0.90 -17.38
N ILE A 384 13.09 -0.62 -16.34
CA ILE A 384 13.61 -0.11 -15.07
C ILE A 384 14.48 -1.20 -14.42
N PHE A 385 13.96 -2.45 -14.34
CA PHE A 385 14.70 -3.56 -13.78
C PHE A 385 16.02 -3.77 -14.54
N ALA A 386 15.98 -3.75 -15.91
CA ALA A 386 17.19 -3.89 -16.72
C ALA A 386 18.24 -2.78 -16.40
N HIS A 387 17.79 -1.50 -16.25
CA HIS A 387 18.68 -0.36 -15.89
C HIS A 387 19.37 -0.60 -14.53
N LEU A 388 18.67 -1.24 -13.59
CA LEU A 388 19.14 -1.53 -12.24
C LEU A 388 20.02 -2.79 -12.15
N GLY A 389 20.11 -3.57 -13.21
CA GLY A 389 20.86 -4.83 -13.25
C GLY A 389 20.15 -5.94 -12.50
N LEU A 390 18.80 -5.89 -12.50
CA LEU A 390 17.95 -6.85 -11.80
C LEU A 390 17.16 -7.71 -12.75
N ASP A 391 16.97 -9.00 -12.40
CA ASP A 391 16.08 -9.88 -13.20
C ASP A 391 14.69 -9.37 -12.94
N TYR A 392 13.86 -9.36 -13.95
CA TYR A 392 12.50 -8.85 -13.82
C TYR A 392 11.66 -9.69 -12.82
N ILE A 393 11.02 -9.02 -11.86
CA ILE A 393 10.15 -9.63 -10.87
C ILE A 393 8.73 -9.25 -11.29
N GLU A 394 7.89 -10.26 -11.57
CA GLU A 394 6.49 -10.07 -11.99
C GLU A 394 5.69 -9.41 -10.87
N PRO A 395 4.59 -8.64 -11.18
CA PRO A 395 3.83 -7.99 -10.10
C PRO A 395 3.37 -8.94 -8.99
N TRP A 396 2.93 -10.18 -9.35
CA TRP A 396 2.46 -11.19 -8.38
C TRP A 396 3.61 -11.78 -7.58
N GLU A 397 4.86 -11.41 -7.91
CA GLU A 397 6.05 -11.87 -7.20
C GLU A 397 6.61 -10.75 -6.31
N ARG A 398 5.88 -9.66 -6.20
CA ARG A 398 6.34 -8.51 -5.40
C ARG A 398 5.61 -8.41 -4.07
N ASN A 399 5.03 -9.52 -3.58
CA ASN A 399 4.30 -9.52 -2.30
C ASN A 399 5.26 -9.64 -1.06
N ALA A 400 6.36 -8.84 -1.05
CA ALA A 400 7.38 -8.90 -0.02
C ALA A 400 6.89 -8.35 1.34
#